data_9C6E
#
_entry.id   9C6E
#
_cell.length_a   66.560
_cell.length_b   74.760
_cell.length_c   79.770
_cell.angle_alpha   90.000
_cell.angle_beta   90.000
_cell.angle_gamma   90.000
#
_symmetry.space_group_name_H-M   'P 21 21 21'
#
loop_
_entity.id
_entity.type
_entity.pdbx_description
1 polymer S-arrestin
2 non-polymer GLYCEROL
3 non-polymer 'GLYCOLIC ACID'
4 non-polymer 'SODIUM ION'
5 water water
#
_entity_poly.entity_id   1
_entity_poly.type   'polypeptide(L)'
_entity_poly.pdbx_seq_one_letter_code
;ANKPAPNHVIFKKISRDKSVTIYLGKRDYIDHVERVEPVDGVVLVDPELVKGKRVYVSLTCAFRYGQEDIDVMGLSFRRD
LYFSQVQVFPPVGASGATTRLQESLIKKLGANTYPFLLTFPDYLPCSVMLQPAPQDVGKSCGVDFEIKAFATHSTDVEED
KIPKKSSVRLLIRKVQHAPRDMGPQPRAEASWQFFMSDKPLRLAVSLSKEIYYHGEPIPVTVAVTNSTEKTVKKIKVLVE
QVTNVVLYSSDYYIKTVAAEEAQEKVPPNSSLTKTLTLVPLLANNRERRGIALDGKIKHEDTNLASSTIIKEGIDKTVMG
ILVSYQIKVKLTVSGLLGELTSSEVATEVPFRLMHPQPEDPDTAK
;
_entity_poly.pdbx_strand_id   A
#
loop_
_chem_comp.id
_chem_comp.type
_chem_comp.name
_chem_comp.formula
GOA non-polymer 'GLYCOLIC ACID' 'C2 H4 O3'
GOL non-polymer GLYCEROL 'C3 H8 O3'
NA non-polymer 'SODIUM ION' 'Na 1'
#
# COMPACT_ATOMS: atom_id res chain seq x y z
N HIS A 8 18.88 -2.04 -9.90
CA HIS A 8 18.54 -0.65 -10.32
C HIS A 8 18.98 -0.44 -11.77
N VAL A 9 17.99 -0.37 -12.67
CA VAL A 9 18.22 -0.24 -14.10
C VAL A 9 17.86 1.19 -14.51
N ILE A 10 18.81 1.90 -15.12
CA ILE A 10 18.56 3.26 -15.59
C ILE A 10 17.55 3.21 -16.74
N PHE A 11 16.52 4.06 -16.65
CA PHE A 11 15.58 4.21 -17.75
C PHE A 11 15.37 5.68 -18.04
N LYS A 12 14.86 5.92 -19.24
CA LYS A 12 14.67 7.27 -19.75
C LYS A 12 13.34 7.35 -20.48
N LYS A 13 12.90 8.58 -20.66
CA LYS A 13 11.79 8.86 -21.56
C LYS A 13 12.07 10.18 -22.27
N ILE A 14 11.85 10.16 -23.59
CA ILE A 14 12.13 11.30 -24.46
C ILE A 14 10.81 11.93 -24.90
N SER A 15 10.74 13.26 -24.84
CA SER A 15 9.55 13.96 -25.28
C SER A 15 9.36 13.76 -26.77
N ARG A 16 8.14 13.98 -27.22
CA ARG A 16 7.77 13.80 -28.61
C ARG A 16 8.63 14.68 -29.52
N ASP A 17 8.93 15.91 -29.09
CA ASP A 17 9.70 16.82 -29.92
C ASP A 17 11.21 16.63 -29.72
N LYS A 18 11.60 15.70 -28.84
CA LYS A 18 12.98 15.35 -28.51
C LYS A 18 13.71 16.44 -27.74
N SER A 19 12.99 17.46 -27.23
CA SER A 19 13.64 18.59 -26.60
C SER A 19 14.02 18.29 -25.15
N VAL A 20 13.28 17.38 -24.51
CA VAL A 20 13.43 17.07 -23.09
C VAL A 20 13.45 15.56 -22.90
N THR A 21 14.51 15.05 -22.26
CA THR A 21 14.63 13.64 -21.94
C THR A 21 14.90 13.53 -20.45
N ILE A 22 14.12 12.70 -19.75
CA ILE A 22 14.33 12.48 -18.33
C ILE A 22 14.95 11.10 -18.12
N TYR A 23 15.94 11.04 -17.21
CA TYR A 23 16.55 9.79 -16.78
C TYR A 23 16.36 9.62 -15.27
N LEU A 24 15.94 8.41 -14.87
CA LEU A 24 15.89 7.98 -13.47
C LEU A 24 16.71 6.70 -13.32
N GLY A 25 17.12 6.42 -12.09
CA GLY A 25 17.89 5.22 -11.76
C GLY A 25 17.02 4.06 -11.30
N LYS A 26 15.77 4.36 -10.93
CA LYS A 26 14.84 3.33 -10.48
C LYS A 26 13.42 3.86 -10.43
N ARG A 27 12.46 2.93 -10.37
CA ARG A 27 11.04 3.25 -10.33
C ARG A 27 10.53 3.33 -8.90
N ASP A 28 11.08 2.49 -8.02
CA ASP A 28 10.57 2.36 -6.66
C ASP A 28 11.51 3.05 -5.67
N TYR A 29 10.94 3.91 -4.82
CA TYR A 29 11.65 4.71 -3.84
C TYR A 29 11.22 4.24 -2.45
N ILE A 30 12.20 3.85 -1.63
CA ILE A 30 11.91 3.19 -0.37
C ILE A 30 11.59 4.21 0.72
N ASP A 31 10.45 3.99 1.37
CA ASP A 31 10.08 4.62 2.61
C ASP A 31 10.34 3.59 3.70
N HIS A 32 11.30 3.88 4.60
CA HIS A 32 11.52 2.97 5.71
C HIS A 32 11.32 3.69 7.05
N VAL A 33 10.37 4.64 7.05
CA VAL A 33 9.88 5.36 8.23
C VAL A 33 10.90 6.39 8.68
N GLU A 34 12.15 5.97 8.98
CA GLU A 34 13.18 6.88 9.44
C GLU A 34 13.48 7.93 8.36
N ARG A 35 13.38 7.50 7.10
CA ARG A 35 13.55 8.41 5.97
C ARG A 35 12.95 7.79 4.72
N VAL A 36 12.90 8.61 3.66
CA VAL A 36 12.42 8.19 2.37
C VAL A 36 13.51 8.53 1.35
N GLU A 37 13.79 7.57 0.46
CA GLU A 37 14.77 7.80 -0.60
C GLU A 37 14.27 8.92 -1.52
N PRO A 38 15.10 9.92 -1.83
CA PRO A 38 14.68 10.99 -2.74
C PRO A 38 14.79 10.57 -4.20
N VAL A 39 14.18 11.36 -5.07
CA VAL A 39 14.22 11.08 -6.49
C VAL A 39 15.34 11.91 -7.11
N ASP A 40 16.46 11.23 -7.43
CA ASP A 40 17.59 11.87 -8.09
C ASP A 40 17.58 11.44 -9.55
N GLY A 41 17.67 12.43 -10.44
CA GLY A 41 17.69 12.11 -11.85
C GLY A 41 18.39 13.22 -12.61
N VAL A 42 18.34 13.11 -13.94
CA VAL A 42 18.82 14.18 -14.79
C VAL A 42 17.85 14.41 -15.93
N VAL A 43 17.94 15.63 -16.48
CA VAL A 43 17.25 15.98 -17.70
C VAL A 43 18.29 16.31 -18.75
N LEU A 44 18.15 15.70 -19.93
CA LEU A 44 18.96 16.02 -21.09
C LEU A 44 18.10 16.87 -22.02
N VAL A 45 18.58 18.08 -22.33
CA VAL A 45 17.84 18.95 -23.23
C VAL A 45 18.54 19.00 -24.58
N ASP A 46 17.75 19.32 -25.61
CA ASP A 46 18.27 19.76 -26.89
C ASP A 46 18.38 21.28 -26.84
N PRO A 47 19.60 21.85 -26.81
CA PRO A 47 19.76 23.28 -26.54
C PRO A 47 19.10 24.17 -27.58
N GLU A 48 19.07 23.75 -28.85
CA GLU A 48 18.41 24.53 -29.89
C GLU A 48 16.91 24.63 -29.62
N LEU A 49 16.31 23.54 -29.12
CA LEU A 49 14.87 23.43 -28.99
C LEU A 49 14.39 24.03 -27.66
N VAL A 50 15.28 24.25 -26.70
CA VAL A 50 14.88 24.89 -25.44
C VAL A 50 15.40 26.32 -25.34
N LYS A 51 16.02 26.84 -26.40
CA LYS A 51 16.49 28.21 -26.40
C LYS A 51 15.31 29.14 -26.10
N GLY A 52 15.48 30.00 -25.10
CA GLY A 52 14.45 30.96 -24.71
C GLY A 52 13.33 30.39 -23.84
N LYS A 53 13.45 29.09 -23.50
N LYS A 53 13.45 29.10 -23.47
CA LYS A 53 12.44 28.40 -22.72
CA LYS A 53 12.42 28.43 -22.72
C LYS A 53 12.97 28.18 -21.31
C LYS A 53 12.98 28.04 -21.36
N ARG A 54 12.09 27.72 -20.42
CA ARG A 54 12.48 27.21 -19.11
CA ARG A 54 12.50 27.21 -19.12
C ARG A 54 12.06 25.75 -19.03
N VAL A 55 12.90 24.92 -18.41
CA VAL A 55 12.56 23.54 -18.19
C VAL A 55 12.47 23.28 -16.69
N TYR A 56 11.35 22.69 -16.27
CA TYR A 56 11.09 22.35 -14.89
C TYR A 56 10.95 20.84 -14.74
N VAL A 57 11.19 20.36 -13.52
CA VAL A 57 10.89 18.99 -13.13
C VAL A 57 10.06 19.04 -11.86
N SER A 58 8.98 18.26 -11.85
CA SER A 58 8.08 18.23 -10.69
C SER A 58 7.87 16.79 -10.21
N LEU A 59 7.62 16.69 -8.91
CA LEU A 59 7.17 15.49 -8.23
C LEU A 59 5.78 15.75 -7.66
N THR A 60 4.82 14.88 -7.98
CA THR A 60 3.46 14.99 -7.44
C THR A 60 3.07 13.67 -6.80
N CYS A 61 2.47 13.75 -5.60
CA CYS A 61 1.74 12.65 -5.01
C CYS A 61 0.27 13.05 -5.01
N ALA A 62 -0.57 12.27 -5.69
CA ALA A 62 -1.98 12.60 -5.81
C ALA A 62 -2.85 11.42 -5.38
N PHE A 63 -3.88 11.76 -4.59
CA PHE A 63 -5.00 10.88 -4.37
C PHE A 63 -6.05 11.13 -5.45
N ARG A 64 -6.52 10.05 -6.07
CA ARG A 64 -7.58 10.14 -7.07
C ARG A 64 -8.74 9.23 -6.67
N TYR A 65 -9.95 9.65 -7.04
CA TYR A 65 -11.16 8.87 -6.81
C TYR A 65 -12.08 9.01 -8.00
N GLY A 66 -12.60 7.88 -8.48
CA GLY A 66 -13.55 7.91 -9.57
C GLY A 66 -13.25 6.85 -10.60
N GLN A 67 -14.30 6.39 -11.31
CA GLN A 67 -14.15 5.44 -12.40
C GLN A 67 -13.04 5.95 -13.33
N GLU A 68 -12.17 5.03 -13.77
CA GLU A 68 -11.02 5.40 -14.57
C GLU A 68 -11.40 5.35 -16.04
N ASP A 69 -12.04 4.23 -16.44
CA ASP A 69 -12.47 4.01 -17.81
C ASP A 69 -12.93 5.31 -18.44
N ILE A 70 -12.26 5.71 -19.53
CA ILE A 70 -12.48 7.00 -20.17
C ILE A 70 -13.70 6.95 -21.10
N ASP A 71 -14.47 5.85 -21.03
CA ASP A 71 -15.77 5.78 -21.68
C ASP A 71 -16.79 5.25 -20.67
N VAL A 72 -16.73 5.79 -19.45
CA VAL A 72 -17.69 5.49 -18.40
C VAL A 72 -17.95 6.81 -17.65
N MET A 73 -19.08 7.46 -17.96
CA MET A 73 -19.43 8.73 -17.32
C MET A 73 -19.39 8.55 -15.80
N GLY A 74 -18.82 9.55 -15.12
CA GLY A 74 -18.73 9.52 -13.67
C GLY A 74 -17.85 10.66 -13.13
N LEU A 75 -18.08 11.05 -11.88
CA LEU A 75 -17.31 12.11 -11.29
C LEU A 75 -15.85 11.68 -11.16
N SER A 76 -14.97 12.68 -11.16
CA SER A 76 -13.58 12.48 -10.78
C SER A 76 -13.21 13.48 -9.69
N PHE A 77 -12.33 13.02 -8.80
CA PHE A 77 -11.76 13.85 -7.75
C PHE A 77 -10.26 13.61 -7.69
N ARG A 78 -9.49 14.67 -7.44
CA ARG A 78 -8.06 14.58 -7.20
CA ARG A 78 -8.05 14.57 -7.21
C ARG A 78 -7.66 15.55 -6.11
N ARG A 79 -6.80 15.09 -5.19
CA ARG A 79 -6.12 15.97 -4.25
C ARG A 79 -4.63 15.73 -4.38
N ASP A 80 -3.86 16.82 -4.56
CA ASP A 80 -2.42 16.75 -4.55
C ASP A 80 -1.93 16.74 -3.09
N LEU A 81 -1.53 15.56 -2.62
CA LEU A 81 -1.03 15.40 -1.25
C LEU A 81 0.35 16.02 -1.07
N TYR A 82 1.13 16.07 -2.16
CA TYR A 82 2.44 16.68 -2.16
C TYR A 82 2.75 17.16 -3.58
N PHE A 83 3.43 18.30 -3.65
CA PHE A 83 3.95 18.82 -4.91
C PHE A 83 5.28 19.52 -4.64
N SER A 84 6.26 19.31 -5.51
CA SER A 84 7.52 20.01 -5.48
C SER A 84 8.03 20.16 -6.91
N GLN A 85 8.68 21.26 -7.18
CA GLN A 85 9.17 21.57 -8.51
C GLN A 85 10.47 22.36 -8.44
N VAL A 86 11.34 22.11 -9.44
CA VAL A 86 12.60 22.83 -9.58
C VAL A 86 12.74 23.25 -11.05
N GLN A 87 13.41 24.38 -11.25
CA GLN A 87 13.86 24.76 -12.57
C GLN A 87 15.24 24.15 -12.81
N VAL A 88 15.38 23.39 -13.92
CA VAL A 88 16.67 22.82 -14.27
C VAL A 88 17.35 23.57 -15.41
N PHE A 89 16.59 24.33 -16.21
CA PHE A 89 17.16 25.07 -17.32
C PHE A 89 16.38 26.37 -17.52
N PRO A 90 17.04 27.52 -17.75
CA PRO A 90 18.48 27.68 -17.52
C PRO A 90 18.86 27.38 -16.07
N PRO A 91 20.13 27.02 -15.81
CA PRO A 91 20.54 26.63 -14.47
C PRO A 91 20.38 27.80 -13.49
N VAL A 92 19.86 27.49 -12.30
CA VAL A 92 19.58 28.48 -11.26
C VAL A 92 20.81 28.63 -10.36
N GLY A 93 21.67 27.60 -10.29
CA GLY A 93 22.89 27.69 -9.49
C GLY A 93 22.71 27.30 -8.02
N ALA A 94 21.67 26.53 -7.72
CA ALA A 94 21.39 26.15 -6.33
C ALA A 94 21.13 24.66 -6.19
N SER A 95 21.82 23.83 -7.00
CA SER A 95 21.46 22.43 -7.17
C SER A 95 22.06 21.52 -6.11
N GLY A 96 23.07 21.99 -5.37
CA GLY A 96 23.75 21.18 -4.37
C GLY A 96 24.60 20.07 -4.99
N ALA A 97 24.92 19.08 -4.17
CA ALA A 97 25.85 18.03 -4.58
C ALA A 97 25.15 17.01 -5.47
N THR A 98 25.88 16.49 -6.45
CA THR A 98 25.35 15.40 -7.27
C THR A 98 25.51 14.06 -6.56
N THR A 99 24.64 13.11 -6.91
CA THR A 99 24.80 11.71 -6.56
C THR A 99 25.72 11.03 -7.57
N ARG A 100 26.17 9.82 -7.24
CA ARG A 100 27.01 9.07 -8.16
C ARG A 100 26.27 8.81 -9.47
N LEU A 101 24.98 8.47 -9.37
CA LEU A 101 24.15 8.24 -10.53
C LEU A 101 24.16 9.48 -11.43
N GLN A 102 23.90 10.65 -10.84
CA GLN A 102 23.82 11.86 -11.61
C GLN A 102 25.16 12.15 -12.29
N GLU A 103 26.25 11.98 -11.53
CA GLU A 103 27.60 12.21 -12.02
C GLU A 103 27.87 11.33 -13.24
N SER A 104 27.53 10.04 -13.13
N SER A 104 27.45 10.06 -13.17
CA SER A 104 27.69 9.08 -14.21
CA SER A 104 27.74 9.10 -14.22
C SER A 104 27.00 9.60 -15.46
C SER A 104 26.93 9.39 -15.48
N LEU A 105 25.71 9.91 -15.32
CA LEU A 105 24.88 10.30 -16.45
C LEU A 105 25.37 11.60 -17.07
N ILE A 106 25.76 12.57 -16.26
CA ILE A 106 26.26 13.83 -16.78
C ILE A 106 27.54 13.57 -17.58
N LYS A 107 28.40 12.66 -17.12
CA LYS A 107 29.61 12.32 -17.86
C LYS A 107 29.25 11.65 -19.18
N LYS A 108 28.28 10.72 -19.13
CA LYS A 108 27.87 9.96 -20.31
C LYS A 108 27.24 10.89 -21.34
N LEU A 109 26.38 11.81 -20.90
CA LEU A 109 25.48 12.51 -21.81
C LEU A 109 25.98 13.91 -22.16
N GLY A 110 26.85 14.50 -21.33
CA GLY A 110 27.52 15.75 -21.67
C GLY A 110 26.84 17.00 -21.12
N ALA A 111 27.19 18.16 -21.70
CA ALA A 111 27.00 19.47 -21.07
C ALA A 111 25.54 19.93 -21.08
N ASN A 112 24.67 19.27 -21.85
CA ASN A 112 23.26 19.62 -21.88
C ASN A 112 22.45 18.78 -20.88
N THR A 113 23.13 18.17 -19.92
CA THR A 113 22.51 17.32 -18.92
C THR A 113 22.48 18.07 -17.59
N TYR A 114 21.28 18.14 -16.97
CA TYR A 114 21.11 18.91 -15.76
C TYR A 114 20.52 18.03 -14.68
N PRO A 115 21.11 17.99 -13.46
CA PRO A 115 20.58 17.16 -12.39
C PRO A 115 19.36 17.77 -11.71
N PHE A 116 18.51 16.90 -11.14
CA PHE A 116 17.48 17.34 -10.21
C PHE A 116 17.42 16.36 -9.04
N LEU A 117 17.00 16.89 -7.89
CA LEU A 117 16.77 16.10 -6.70
C LEU A 117 15.47 16.57 -6.07
N LEU A 118 14.46 15.69 -6.10
CA LEU A 118 13.17 16.00 -5.48
C LEU A 118 12.96 15.05 -4.30
N THR A 119 12.82 15.63 -3.11
CA THR A 119 12.70 14.83 -1.91
C THR A 119 11.23 14.54 -1.61
N PHE A 120 11.01 13.49 -0.81
CA PHE A 120 9.70 13.21 -0.27
C PHE A 120 9.61 13.68 1.18
N PRO A 121 8.46 14.24 1.60
CA PRO A 121 8.24 14.59 3.00
C PRO A 121 7.86 13.36 3.80
N ASP A 122 7.56 13.56 5.10
CA ASP A 122 7.38 12.47 6.04
C ASP A 122 5.89 12.15 6.28
N TYR A 123 4.97 12.84 5.60
CA TYR A 123 3.54 12.77 5.88
C TYR A 123 2.71 12.14 4.77
N LEU A 124 3.36 11.40 3.86
CA LEU A 124 2.67 10.79 2.74
C LEU A 124 2.45 9.30 2.95
N PRO A 125 1.40 8.76 2.30
CA PRO A 125 1.24 7.31 2.19
C PRO A 125 2.25 6.73 1.23
N CYS A 126 2.21 5.41 1.09
CA CYS A 126 2.91 4.69 0.05
C CYS A 126 1.93 4.36 -1.08
N SER A 127 2.49 3.83 -2.18
CA SER A 127 1.68 3.49 -3.34
C SER A 127 0.57 2.51 -2.98
N VAL A 128 -0.66 2.86 -3.38
CA VAL A 128 -1.82 2.03 -3.09
C VAL A 128 -2.91 2.34 -4.10
N MET A 129 -3.61 1.30 -4.53
CA MET A 129 -4.78 1.53 -5.34
C MET A 129 -5.75 0.36 -5.22
N LEU A 130 -7.00 0.68 -5.54
N LEU A 130 -7.00 0.65 -5.53
CA LEU A 130 -8.10 -0.25 -5.37
CA LEU A 130 -8.00 -0.42 -5.49
C LEU A 130 -9.08 -0.09 -6.53
C LEU A 130 -9.04 -0.16 -6.57
N GLN A 131 -9.66 -1.24 -6.95
N GLN A 131 -9.59 -1.29 -7.05
CA GLN A 131 -10.74 -1.27 -7.92
CA GLN A 131 -10.74 -1.28 -7.94
C GLN A 131 -11.86 -2.07 -7.28
C GLN A 131 -11.86 -2.06 -7.27
N PRO A 132 -13.11 -1.54 -7.18
CA PRO A 132 -14.17 -2.25 -6.48
C PRO A 132 -14.58 -3.56 -7.16
N ALA A 133 -14.99 -4.53 -6.34
CA ALA A 133 -15.63 -5.74 -6.81
C ALA A 133 -17.10 -5.45 -7.04
N PRO A 134 -17.85 -6.31 -7.77
CA PRO A 134 -19.26 -6.06 -8.06
C PRO A 134 -20.15 -5.68 -6.87
N GLN A 135 -19.92 -6.30 -5.70
CA GLN A 135 -20.77 -6.08 -4.54
C GLN A 135 -20.28 -4.90 -3.70
N ASP A 136 -19.14 -4.29 -4.08
CA ASP A 136 -18.69 -3.05 -3.47
C ASP A 136 -19.41 -1.86 -4.12
N VAL A 137 -19.72 -0.81 -3.33
CA VAL A 137 -20.44 0.37 -3.79
C VAL A 137 -19.51 1.53 -4.14
N GLY A 138 -18.33 1.58 -3.51
CA GLY A 138 -17.38 2.64 -3.79
C GLY A 138 -16.81 2.53 -5.22
N LYS A 139 -16.02 3.55 -5.59
CA LYS A 139 -15.40 3.62 -6.90
C LYS A 139 -13.89 3.39 -6.76
N SER A 140 -13.25 3.18 -7.92
N SER A 140 -13.24 3.17 -7.90
CA SER A 140 -11.80 3.09 -7.97
CA SER A 140 -11.79 3.00 -7.93
C SER A 140 -11.15 4.30 -7.33
C SER A 140 -11.11 4.27 -7.42
N CYS A 141 -10.00 4.07 -6.70
CA CYS A 141 -9.23 5.14 -6.12
C CYS A 141 -7.80 4.67 -5.90
N GLY A 142 -6.92 5.63 -5.65
CA GLY A 142 -5.55 5.30 -5.44
C GLY A 142 -4.70 6.52 -5.10
N VAL A 143 -3.45 6.23 -4.79
CA VAL A 143 -2.41 7.22 -4.60
C VAL A 143 -1.32 6.96 -5.62
N ASP A 144 -1.10 7.95 -6.48
CA ASP A 144 -0.13 7.87 -7.57
C ASP A 144 0.99 8.89 -7.35
N PHE A 145 2.18 8.56 -7.87
CA PHE A 145 3.37 9.40 -7.81
C PHE A 145 3.89 9.60 -9.23
N GLU A 146 4.12 10.86 -9.60
CA GLU A 146 4.54 11.17 -10.96
C GLU A 146 5.72 12.15 -10.92
N ILE A 147 6.72 11.85 -11.76
CA ILE A 147 7.77 12.80 -12.09
C ILE A 147 7.48 13.32 -13.50
N LYS A 148 7.52 14.65 -13.65
CA LYS A 148 7.26 15.26 -14.93
C LYS A 148 8.37 16.26 -15.23
N ALA A 149 8.93 16.23 -16.45
CA ALA A 149 9.80 17.30 -16.92
C ALA A 149 9.14 17.96 -18.12
N PHE A 150 9.24 19.28 -18.20
CA PHE A 150 8.60 19.98 -19.30
C PHE A 150 9.24 21.33 -19.55
N ALA A 151 9.17 21.75 -20.82
CA ALA A 151 9.56 23.08 -21.22
C ALA A 151 8.33 23.99 -21.33
N THR A 152 8.51 25.23 -20.89
CA THR A 152 7.47 26.23 -20.93
C THR A 152 8.07 27.54 -21.45
N HIS A 153 7.24 28.33 -22.12
CA HIS A 153 7.63 29.65 -22.54
C HIS A 153 6.39 30.49 -22.77
N SER A 154 6.63 31.80 -22.93
CA SER A 154 5.59 32.73 -23.29
C SER A 154 5.94 33.39 -24.62
N THR A 155 4.92 33.64 -25.44
CA THR A 155 5.05 34.52 -26.60
C THR A 155 4.30 35.82 -26.27
N ASP A 156 4.36 36.78 -27.20
CA ASP A 156 3.72 38.07 -27.01
C ASP A 156 2.20 37.95 -27.09
N VAL A 157 1.68 36.76 -27.45
CA VAL A 157 0.25 36.55 -27.59
C VAL A 157 -0.25 35.48 -26.61
N GLU A 158 0.65 34.71 -25.97
CA GLU A 158 0.21 33.58 -25.15
C GLU A 158 1.22 33.29 -24.04
N GLU A 159 0.69 33.17 -22.81
CA GLU A 159 1.48 33.02 -21.59
C GLU A 159 1.40 31.58 -21.10
N ASP A 160 2.43 31.11 -20.39
CA ASP A 160 2.40 29.82 -19.71
C ASP A 160 2.22 28.66 -20.70
N LYS A 161 2.79 28.74 -21.91
CA LYS A 161 2.61 27.67 -22.88
C LYS A 161 3.34 26.41 -22.42
N ILE A 162 2.64 25.28 -22.40
CA ILE A 162 3.18 24.00 -21.97
C ILE A 162 2.80 22.93 -22.98
N PRO A 163 3.37 22.96 -24.19
CA PRO A 163 3.02 21.96 -25.18
C PRO A 163 3.37 20.55 -24.70
N LYS A 164 2.43 19.63 -24.90
CA LYS A 164 2.59 18.24 -24.50
C LYS A 164 3.83 17.65 -25.17
N LYS A 165 4.12 18.09 -26.40
CA LYS A 165 5.25 17.52 -27.13
C LYS A 165 6.58 17.85 -26.47
N SER A 166 6.62 18.84 -25.56
CA SER A 166 7.85 19.23 -24.87
C SER A 166 7.82 18.77 -23.41
N SER A 167 7.03 17.72 -23.14
CA SER A 167 6.86 17.25 -21.79
CA SER A 167 6.81 17.24 -21.79
C SER A 167 7.00 15.73 -21.75
N VAL A 168 7.35 15.22 -20.57
N VAL A 168 7.47 15.23 -20.61
CA VAL A 168 7.56 13.79 -20.40
CA VAL A 168 7.59 13.80 -20.38
C VAL A 168 7.26 13.44 -18.95
C VAL A 168 7.09 13.55 -18.97
N ARG A 169 6.51 12.36 -18.75
CA ARG A 169 6.17 11.93 -17.41
C ARG A 169 6.55 10.47 -17.21
N LEU A 170 6.96 10.17 -15.98
CA LEU A 170 7.26 8.82 -15.54
C LEU A 170 6.52 8.57 -14.23
N LEU A 171 5.78 7.46 -14.18
CA LEU A 171 5.15 7.02 -12.94
C LEU A 171 6.17 6.26 -12.10
N ILE A 172 6.19 6.59 -10.81
CA ILE A 172 7.08 5.97 -9.85
C ILE A 172 6.27 5.48 -8.67
N ARG A 173 6.93 4.73 -7.80
CA ARG A 173 6.26 4.23 -6.60
C ARG A 173 7.04 4.61 -5.36
N LYS A 174 6.30 4.75 -4.27
CA LYS A 174 6.86 4.90 -2.93
C LYS A 174 6.45 3.65 -2.18
N VAL A 175 7.45 2.87 -1.75
CA VAL A 175 7.20 1.51 -1.29
C VAL A 175 7.61 1.39 0.18
N GLN A 176 6.80 0.68 0.95
CA GLN A 176 6.99 0.62 2.40
C GLN A 176 7.91 -0.52 2.81
N HIS A 177 9.07 -0.16 3.37
CA HIS A 177 9.97 -1.11 3.99
C HIS A 177 9.95 -0.92 5.50
N ALA A 178 10.40 -1.95 6.21
CA ALA A 178 10.26 -2.00 7.64
C ALA A 178 11.20 -1.01 8.32
N PRO A 179 10.73 -0.39 9.41
CA PRO A 179 11.56 0.45 10.25
C PRO A 179 12.52 -0.36 11.12
N ARG A 180 13.31 0.35 11.91
CA ARG A 180 14.32 -0.29 12.74
C ARG A 180 13.72 -1.08 13.89
N ASP A 181 12.54 -0.67 14.37
CA ASP A 181 11.93 -1.28 15.53
C ASP A 181 10.56 -1.83 15.17
N MET A 182 9.97 -2.64 16.04
N MET A 182 9.92 -2.42 16.17
CA MET A 182 8.57 -2.99 15.85
CA MET A 182 8.74 -3.23 15.99
C MET A 182 7.92 -3.09 17.22
C MET A 182 7.92 -3.09 17.27
N GLY A 183 6.59 -3.25 17.18
CA GLY A 183 5.76 -3.17 18.36
C GLY A 183 5.84 -4.45 19.17
N PRO A 184 5.11 -4.50 20.29
CA PRO A 184 5.11 -5.68 21.14
C PRO A 184 4.48 -6.89 20.47
N GLN A 185 4.80 -8.08 21.00
CA GLN A 185 4.24 -9.30 20.47
C GLN A 185 2.71 -9.20 20.44
N PRO A 186 2.05 -9.44 19.30
CA PRO A 186 0.58 -9.42 19.22
C PRO A 186 -0.05 -10.54 20.02
N ARG A 187 -1.00 -10.19 20.89
N ARG A 187 -1.00 -10.17 20.88
CA ARG A 187 -1.65 -11.17 21.75
CA ARG A 187 -1.70 -11.09 21.75
C ARG A 187 -3.11 -10.75 21.99
C ARG A 187 -3.18 -10.72 21.80
N ALA A 188 -4.02 -11.75 22.01
CA ALA A 188 -5.42 -11.53 22.31
C ALA A 188 -5.91 -12.61 23.24
N GLU A 189 -6.96 -12.30 24.01
CA GLU A 189 -7.62 -13.29 24.85
C GLU A 189 -9.08 -12.91 24.94
N ALA A 190 -9.95 -13.90 24.72
CA ALA A 190 -11.39 -13.70 24.78
C ALA A 190 -12.02 -14.88 25.47
N SER A 191 -13.15 -14.62 26.15
N SER A 191 -13.12 -14.61 26.20
CA SER A 191 -13.94 -15.74 26.64
CA SER A 191 -13.94 -15.65 26.81
C SER A 191 -15.42 -15.43 26.49
C SER A 191 -15.40 -15.41 26.44
N TRP A 192 -16.16 -16.52 26.35
CA TRP A 192 -17.60 -16.49 26.10
C TRP A 192 -18.30 -17.45 27.05
N GLN A 193 -19.47 -17.01 27.51
CA GLN A 193 -20.43 -17.87 28.17
C GLN A 193 -21.72 -17.77 27.36
N PHE A 194 -22.19 -18.93 26.91
CA PHE A 194 -23.36 -19.05 26.06
C PHE A 194 -24.63 -19.10 26.87
N PHE A 195 -25.75 -18.86 26.19
CA PHE A 195 -27.05 -18.85 26.83
C PHE A 195 -27.28 -20.17 27.58
N MET A 196 -27.68 -20.02 28.85
CA MET A 196 -28.10 -21.09 29.76
C MET A 196 -26.95 -21.85 30.41
N SER A 197 -25.70 -21.46 30.21
CA SER A 197 -24.60 -22.10 30.92
C SER A 197 -23.49 -21.10 31.21
N ASP A 198 -23.03 -21.04 32.46
N ASP A 198 -23.01 -21.07 32.46
CA ASP A 198 -21.93 -20.17 32.84
C ASP A 198 -20.55 -20.80 32.54
C ASP A 198 -20.56 -20.81 32.59
N LYS A 199 -20.53 -21.99 31.93
CA LYS A 199 -19.27 -22.63 31.60
C LYS A 199 -18.56 -21.89 30.47
N PRO A 200 -17.29 -21.49 30.64
CA PRO A 200 -16.62 -20.67 29.63
C PRO A 200 -15.97 -21.45 28.49
N LEU A 201 -15.99 -20.77 27.33
CA LEU A 201 -15.07 -21.08 26.24
C LEU A 201 -14.02 -19.97 26.19
N ARG A 202 -12.74 -20.30 26.28
CA ARG A 202 -11.65 -19.34 26.29
CA ARG A 202 -11.68 -19.31 26.25
C ARG A 202 -10.78 -19.54 25.05
N LEU A 203 -10.40 -18.42 24.42
CA LEU A 203 -9.50 -18.45 23.28
C LEU A 203 -8.38 -17.43 23.54
N ALA A 204 -7.13 -17.89 23.48
CA ALA A 204 -5.97 -17.03 23.52
C ALA A 204 -5.20 -17.20 22.22
N VAL A 205 -4.73 -16.09 21.67
CA VAL A 205 -4.07 -16.11 20.38
C VAL A 205 -2.80 -15.27 20.53
N SER A 206 -1.70 -15.75 19.93
CA SER A 206 -0.51 -14.94 19.83
C SER A 206 0.12 -15.15 18.45
N LEU A 207 0.76 -14.08 17.99
CA LEU A 207 1.61 -14.14 16.79
C LEU A 207 3.06 -14.04 17.24
N SER A 208 3.97 -14.57 16.43
CA SER A 208 5.38 -14.52 16.82
C SER A 208 5.90 -13.09 16.96
N LYS A 209 5.43 -12.15 16.12
CA LYS A 209 5.94 -10.79 16.14
C LYS A 209 4.93 -9.86 15.45
N GLU A 210 5.22 -8.55 15.48
CA GLU A 210 4.23 -7.54 15.12
C GLU A 210 4.34 -7.08 13.67
N ILE A 211 5.51 -7.25 13.05
CA ILE A 211 5.71 -6.95 11.64
C ILE A 211 6.13 -8.23 10.93
N TYR A 212 5.43 -8.53 9.82
CA TYR A 212 5.82 -9.58 8.90
C TYR A 212 6.13 -8.95 7.55
N TYR A 213 6.97 -9.64 6.79
CA TYR A 213 7.31 -9.20 5.45
C TYR A 213 6.43 -9.93 4.43
N HIS A 214 6.25 -9.29 3.28
CA HIS A 214 5.55 -9.91 2.18
C HIS A 214 6.23 -11.24 1.82
N GLY A 215 5.44 -12.31 1.81
CA GLY A 215 5.95 -13.63 1.54
C GLY A 215 6.36 -14.44 2.77
N GLU A 216 6.38 -13.79 3.95
CA GLU A 216 6.87 -14.44 5.15
C GLU A 216 5.75 -15.23 5.83
N PRO A 217 6.04 -16.45 6.32
N PRO A 217 5.92 -16.52 6.17
CA PRO A 217 5.04 -17.22 7.05
CA PRO A 217 4.90 -17.22 6.94
C PRO A 217 4.63 -16.53 8.34
C PRO A 217 4.62 -16.57 8.29
N ILE A 218 3.32 -16.52 8.62
CA ILE A 218 2.83 -15.96 9.88
C ILE A 218 2.35 -17.11 10.74
N PRO A 219 3.07 -17.43 11.83
CA PRO A 219 2.63 -18.48 12.74
C PRO A 219 1.68 -17.95 13.79
N VAL A 220 0.47 -18.51 13.78
CA VAL A 220 -0.61 -18.13 14.69
C VAL A 220 -0.77 -19.23 15.72
N THR A 221 -0.51 -18.91 16.99
CA THR A 221 -0.68 -19.90 18.06
C THR A 221 -2.02 -19.67 18.76
N VAL A 222 -2.86 -20.69 18.73
CA VAL A 222 -4.22 -20.64 19.24
C VAL A 222 -4.33 -21.62 20.41
N ALA A 223 -4.86 -21.15 21.55
CA ALA A 223 -5.10 -21.99 22.71
C ALA A 223 -6.58 -21.90 23.04
N VAL A 224 -7.27 -23.04 22.93
CA VAL A 224 -8.70 -23.13 23.19
C VAL A 224 -8.88 -23.91 24.48
N THR A 225 -9.56 -23.29 25.46
CA THR A 225 -9.91 -23.97 26.70
C THR A 225 -11.44 -24.05 26.76
N ASN A 226 -11.98 -25.24 26.48
CA ASN A 226 -13.41 -25.44 26.31
C ASN A 226 -14.00 -26.14 27.53
N SER A 227 -14.52 -25.34 28.46
CA SER A 227 -15.19 -25.90 29.63
C SER A 227 -16.67 -26.18 29.35
N THR A 228 -17.16 -25.83 28.16
CA THR A 228 -18.58 -25.95 27.84
C THR A 228 -18.97 -27.40 27.50
N GLU A 229 -20.29 -27.58 27.35
CA GLU A 229 -20.91 -28.81 26.95
C GLU A 229 -20.88 -28.98 25.42
N LYS A 230 -20.49 -27.93 24.71
CA LYS A 230 -20.48 -27.90 23.25
C LYS A 230 -19.14 -28.38 22.71
N THR A 231 -19.14 -28.79 21.44
CA THR A 231 -17.94 -29.11 20.71
C THR A 231 -17.50 -27.91 19.88
N VAL A 232 -16.19 -27.61 19.91
CA VAL A 232 -15.64 -26.70 18.91
C VAL A 232 -15.39 -27.54 17.67
N LYS A 233 -16.29 -27.40 16.68
CA LYS A 233 -16.31 -28.24 15.50
C LYS A 233 -15.28 -27.80 14.47
N LYS A 234 -14.89 -26.53 14.51
CA LYS A 234 -13.97 -25.99 13.50
C LYS A 234 -13.20 -24.82 14.08
N ILE A 235 -11.89 -24.81 13.81
CA ILE A 235 -11.01 -23.70 14.10
C ILE A 235 -10.49 -23.17 12.76
N LYS A 236 -10.85 -21.93 12.42
CA LYS A 236 -10.44 -21.34 11.16
C LYS A 236 -9.62 -20.08 11.46
N VAL A 237 -8.52 -19.89 10.72
CA VAL A 237 -7.66 -18.73 10.91
C VAL A 237 -7.55 -18.03 9.56
N LEU A 238 -7.83 -16.73 9.57
CA LEU A 238 -7.80 -15.89 8.38
C LEU A 238 -6.78 -14.78 8.56
N VAL A 239 -6.22 -14.33 7.43
CA VAL A 239 -5.67 -12.99 7.35
C VAL A 239 -6.69 -12.13 6.62
N GLU A 240 -7.12 -11.04 7.27
CA GLU A 240 -8.02 -10.09 6.65
C GLU A 240 -7.28 -8.78 6.40
N GLN A 241 -7.49 -8.24 5.18
CA GLN A 241 -7.08 -6.91 4.83
C GLN A 241 -8.27 -5.98 4.99
N VAL A 242 -8.05 -4.88 5.72
CA VAL A 242 -9.05 -3.87 5.99
C VAL A 242 -8.60 -2.59 5.30
N THR A 243 -9.46 -2.02 4.46
CA THR A 243 -9.13 -0.80 3.75
C THR A 243 -10.22 0.24 4.05
N ASN A 244 -9.79 1.44 4.48
CA ASN A 244 -10.70 2.55 4.71
C ASN A 244 -10.29 3.70 3.80
N VAL A 245 -11.21 4.13 2.92
CA VAL A 245 -10.96 5.31 2.10
C VAL A 245 -11.39 6.51 2.95
N VAL A 246 -10.48 7.46 3.14
CA VAL A 246 -10.68 8.53 4.12
C VAL A 246 -10.66 9.93 3.50
N LEU A 247 -10.62 10.02 2.16
CA LEU A 247 -10.90 11.27 1.44
C LEU A 247 -12.04 11.01 0.47
N TYR A 248 -12.92 12.01 0.33
CA TYR A 248 -13.94 12.12 -0.70
C TYR A 248 -15.14 11.23 -0.42
N SER A 249 -14.91 9.94 -0.17
CA SER A 249 -15.99 9.00 0.12
C SER A 249 -15.53 8.08 1.23
N SER A 250 -16.40 7.83 2.20
CA SER A 250 -16.07 6.96 3.32
C SER A 250 -16.40 5.51 2.92
N ASP A 251 -15.45 4.85 2.25
CA ASP A 251 -15.63 3.50 1.76
C ASP A 251 -14.84 2.54 2.64
N TYR A 252 -15.41 1.35 2.84
CA TYR A 252 -14.82 0.33 3.70
C TYR A 252 -14.78 -1.00 2.96
N TYR A 253 -13.63 -1.67 3.06
CA TYR A 253 -13.44 -2.98 2.46
C TYR A 253 -12.81 -3.89 3.52
N ILE A 254 -13.27 -5.13 3.56
CA ILE A 254 -12.59 -6.15 4.34
C ILE A 254 -12.60 -7.43 3.52
N LYS A 255 -11.41 -8.01 3.33
CA LYS A 255 -11.22 -9.13 2.43
C LYS A 255 -10.26 -10.16 3.03
N THR A 256 -10.64 -11.42 2.92
CA THR A 256 -9.77 -12.53 3.30
C THR A 256 -8.69 -12.72 2.24
N VAL A 257 -7.42 -12.64 2.68
CA VAL A 257 -6.29 -12.81 1.77
C VAL A 257 -5.45 -14.05 2.11
N ALA A 258 -5.79 -14.79 3.18
CA ALA A 258 -5.24 -16.11 3.45
C ALA A 258 -6.16 -16.82 4.42
N ALA A 259 -6.18 -18.16 4.38
CA ALA A 259 -7.05 -18.91 5.25
C ALA A 259 -6.50 -20.32 5.46
N GLU A 260 -6.65 -20.82 6.69
CA GLU A 260 -6.29 -22.17 7.06
C GLU A 260 -7.26 -22.67 8.13
N GLU A 261 -7.57 -23.95 8.07
CA GLU A 261 -8.42 -24.59 9.06
C GLU A 261 -7.61 -25.69 9.75
N ALA A 262 -7.78 -25.83 11.06
CA ALA A 262 -7.17 -26.94 11.77
C ALA A 262 -7.91 -28.24 11.44
N GLN A 263 -7.18 -29.36 11.47
N GLN A 263 -7.17 -29.35 11.46
CA GLN A 263 -7.82 -30.67 11.35
CA GLN A 263 -7.76 -30.69 11.36
C GLN A 263 -8.63 -30.98 12.60
C GLN A 263 -8.60 -30.99 12.60
N GLU A 264 -8.15 -30.51 13.75
CA GLU A 264 -8.69 -30.93 15.04
C GLU A 264 -10.00 -30.23 15.40
N LYS A 265 -10.82 -30.94 16.17
CA LYS A 265 -11.91 -30.36 16.92
C LYS A 265 -11.52 -30.27 18.40
N VAL A 266 -12.33 -29.54 19.17
CA VAL A 266 -12.13 -29.50 20.61
C VAL A 266 -13.41 -30.00 21.27
N PRO A 267 -13.43 -31.26 21.74
CA PRO A 267 -14.61 -31.81 22.38
C PRO A 267 -14.98 -31.04 23.64
N PRO A 268 -16.18 -31.28 24.17
CA PRO A 268 -16.57 -30.70 25.45
C PRO A 268 -15.54 -31.00 26.53
N ASN A 269 -15.37 -30.04 27.45
CA ASN A 269 -14.51 -30.22 28.59
C ASN A 269 -13.10 -30.65 28.22
N SER A 270 -12.54 -29.95 27.22
N SER A 270 -12.52 -29.96 27.24
CA SER A 270 -11.25 -30.27 26.65
CA SER A 270 -11.17 -30.26 26.81
C SER A 270 -10.50 -29.00 26.25
C SER A 270 -10.50 -29.02 26.25
N SER A 271 -9.20 -29.14 25.98
CA SER A 271 -8.34 -28.02 25.60
C SER A 271 -7.46 -28.43 24.42
N LEU A 272 -7.02 -27.42 23.66
CA LEU A 272 -6.12 -27.66 22.53
C LEU A 272 -5.28 -26.42 22.30
N THR A 273 -3.98 -26.62 22.09
CA THR A 273 -3.13 -25.57 21.57
C THR A 273 -2.56 -26.01 20.24
N LYS A 274 -2.64 -25.12 19.25
CA LYS A 274 -2.18 -25.43 17.91
C LYS A 274 -1.57 -24.20 17.29
N THR A 275 -0.53 -24.39 16.47
CA THR A 275 0.01 -23.31 15.66
C THR A 275 -0.31 -23.57 14.18
N LEU A 276 -0.95 -22.58 13.57
CA LEU A 276 -1.25 -22.61 12.15
C LEU A 276 -0.44 -21.52 11.46
N THR A 277 0.00 -21.80 10.24
CA THR A 277 0.85 -20.86 9.53
C THR A 277 0.14 -20.42 8.26
N LEU A 278 0.09 -19.10 8.06
CA LEU A 278 -0.56 -18.45 6.93
C LEU A 278 0.42 -17.56 6.19
N VAL A 279 0.20 -17.38 4.88
CA VAL A 279 1.02 -16.47 4.09
C VAL A 279 0.10 -15.61 3.22
N PRO A 280 -0.16 -14.34 3.58
CA PRO A 280 -1.04 -13.48 2.77
C PRO A 280 -0.35 -13.01 1.48
N LEU A 281 -0.91 -13.41 0.34
CA LEU A 281 -0.31 -13.14 -0.95
C LEU A 281 -1.39 -12.82 -1.96
N LEU A 282 -1.12 -11.86 -2.84
CA LEU A 282 -2.04 -11.57 -3.93
C LEU A 282 -2.31 -12.83 -4.77
N ALA A 283 -1.27 -13.66 -4.92
CA ALA A 283 -1.36 -14.91 -5.64
C ALA A 283 -2.35 -15.93 -5.03
N ASN A 284 -2.82 -15.72 -3.80
CA ASN A 284 -3.71 -16.69 -3.14
C ASN A 284 -5.13 -16.65 -3.71
N ASN A 285 -5.52 -15.58 -4.40
CA ASN A 285 -6.87 -15.53 -4.96
C ASN A 285 -6.84 -14.91 -6.35
N ARG A 286 -7.63 -15.50 -7.26
CA ARG A 286 -7.73 -15.00 -8.62
C ARG A 286 -8.44 -13.64 -8.63
N GLU A 287 -9.39 -13.43 -7.71
CA GLU A 287 -10.11 -12.16 -7.65
C GLU A 287 -9.21 -11.11 -7.00
N ARG A 288 -8.86 -10.08 -7.77
CA ARG A 288 -7.98 -9.04 -7.28
C ARG A 288 -8.74 -7.73 -7.08
N ARG A 289 -10.04 -7.69 -7.45
CA ARG A 289 -10.86 -6.52 -7.17
C ARG A 289 -11.27 -6.51 -5.70
N GLY A 290 -11.45 -5.29 -5.17
CA GLY A 290 -11.91 -5.07 -3.82
C GLY A 290 -10.79 -5.22 -2.77
N ILE A 291 -9.54 -5.26 -3.26
N ILE A 291 -9.54 -5.30 -3.22
CA ILE A 291 -8.34 -5.45 -2.45
CA ILE A 291 -8.41 -5.37 -2.30
C ILE A 291 -7.42 -4.25 -2.70
C ILE A 291 -7.37 -4.33 -2.69
N ALA A 292 -6.73 -3.81 -1.65
CA ALA A 292 -5.74 -2.77 -1.80
C ALA A 292 -4.43 -3.39 -2.29
N LEU A 293 -3.96 -2.87 -3.43
CA LEU A 293 -2.75 -3.32 -4.08
C LEU A 293 -1.75 -2.16 -4.14
N ASP A 294 -0.49 -2.47 -4.44
CA ASP A 294 0.53 -1.44 -4.57
C ASP A 294 0.78 -1.08 -6.04
N GLY A 295 -0.12 -1.50 -6.93
CA GLY A 295 0.07 -1.26 -8.35
C GLY A 295 -1.13 -1.78 -9.13
N LYS A 296 -1.02 -1.75 -10.46
N LYS A 296 -1.01 -1.75 -10.46
CA LYS A 296 -2.15 -2.12 -11.31
CA LYS A 296 -2.11 -2.14 -11.33
C LYS A 296 -2.32 -3.64 -11.27
C LYS A 296 -2.32 -3.65 -11.22
N ILE A 297 -3.58 -4.07 -11.33
CA ILE A 297 -3.92 -5.49 -11.29
C ILE A 297 -3.05 -6.31 -12.25
N LYS A 298 -2.76 -5.78 -13.45
CA LYS A 298 -2.05 -6.54 -14.47
C LYS A 298 -0.61 -6.87 -14.05
N HIS A 299 0.10 -5.86 -13.53
CA HIS A 299 1.56 -5.86 -13.53
C HIS A 299 2.16 -6.92 -12.63
N GLU A 300 3.39 -7.36 -12.97
CA GLU A 300 4.07 -8.46 -12.30
C GLU A 300 4.69 -7.99 -10.98
N ASP A 301 4.97 -6.69 -10.86
CA ASP A 301 5.58 -6.13 -9.67
C ASP A 301 4.49 -5.78 -8.65
N THR A 302 3.23 -6.21 -8.88
CA THR A 302 2.12 -5.81 -8.01
C THR A 302 1.93 -6.84 -6.91
N ASN A 303 1.77 -6.32 -5.69
N ASN A 303 1.74 -6.28 -5.70
CA ASN A 303 1.55 -7.11 -4.49
CA ASN A 303 1.61 -7.01 -4.45
C ASN A 303 0.43 -6.47 -3.69
C ASN A 303 0.38 -6.49 -3.72
N LEU A 304 -0.04 -7.20 -2.66
CA LEU A 304 -0.90 -6.59 -1.67
C LEU A 304 -0.25 -5.32 -1.14
N ALA A 305 -1.06 -4.28 -0.90
CA ALA A 305 -0.54 -3.04 -0.35
C ALA A 305 0.03 -3.26 1.04
N SER A 306 1.11 -2.56 1.37
CA SER A 306 1.66 -2.61 2.72
C SER A 306 0.76 -1.89 3.71
N SER A 307 0.84 -2.28 4.99
CA SER A 307 0.17 -1.51 6.03
C SER A 307 0.56 -0.03 5.96
N THR A 308 -0.45 0.81 6.18
CA THR A 308 -0.23 2.22 6.41
C THR A 308 0.54 2.43 7.71
N ILE A 309 1.49 3.36 7.69
CA ILE A 309 2.20 3.80 8.88
C ILE A 309 2.02 5.32 8.98
N ILE A 310 1.16 5.74 9.91
CA ILE A 310 0.82 7.15 10.07
C ILE A 310 1.82 7.80 11.02
N LYS A 311 2.35 8.96 10.61
CA LYS A 311 3.21 9.79 11.44
C LYS A 311 2.43 10.33 12.64
N GLU A 312 3.06 10.32 13.82
CA GLU A 312 2.42 10.84 15.03
C GLU A 312 1.97 12.28 14.79
N GLY A 313 0.72 12.59 15.12
CA GLY A 313 0.21 13.95 15.07
C GLY A 313 -0.46 14.30 13.74
N ILE A 314 -0.30 13.46 12.72
CA ILE A 314 -0.87 13.71 11.40
C ILE A 314 -2.36 13.44 11.44
N ASP A 315 -3.13 14.25 10.71
CA ASP A 315 -4.53 13.99 10.43
C ASP A 315 -4.58 12.83 9.42
N LYS A 316 -5.14 11.69 9.83
N LYS A 316 -5.15 11.70 9.83
CA LYS A 316 -5.03 10.46 9.06
CA LYS A 316 -5.06 10.46 9.07
C LYS A 316 -5.74 10.59 7.70
C LYS A 316 -5.71 10.61 7.70
N THR A 317 -6.63 11.58 7.56
CA THR A 317 -7.31 11.78 6.29
C THR A 317 -6.32 12.13 5.18
N VAL A 318 -5.16 12.72 5.51
CA VAL A 318 -4.23 13.09 4.44
C VAL A 318 -3.59 11.87 3.81
N MET A 319 -3.80 10.68 4.38
CA MET A 319 -3.24 9.48 3.79
C MET A 319 -4.09 8.99 2.60
N GLY A 320 -5.34 9.43 2.51
CA GLY A 320 -6.23 9.06 1.41
C GLY A 320 -6.87 7.69 1.58
N ILE A 321 -6.04 6.67 1.77
CA ILE A 321 -6.46 5.28 1.89
C ILE A 321 -5.65 4.67 3.01
N LEU A 322 -6.34 4.08 3.99
CA LEU A 322 -5.70 3.40 5.11
C LEU A 322 -5.81 1.89 4.90
N VAL A 323 -4.68 1.22 4.97
CA VAL A 323 -4.62 -0.23 4.82
C VAL A 323 -4.10 -0.84 6.12
N SER A 324 -4.84 -1.83 6.63
CA SER A 324 -4.42 -2.57 7.79
C SER A 324 -4.66 -4.07 7.61
N TYR A 325 -3.99 -4.86 8.45
CA TYR A 325 -4.09 -6.31 8.42
C TYR A 325 -4.40 -6.82 9.82
N GLN A 326 -5.11 -7.95 9.86
CA GLN A 326 -5.36 -8.63 11.12
C GLN A 326 -5.49 -10.12 10.89
N ILE A 327 -5.18 -10.88 11.95
CA ILE A 327 -5.50 -12.29 12.00
C ILE A 327 -6.88 -12.39 12.64
N LYS A 328 -7.76 -13.17 12.04
CA LYS A 328 -9.05 -13.49 12.64
C LYS A 328 -9.08 -14.98 12.93
N VAL A 329 -9.44 -15.34 14.16
CA VAL A 329 -9.60 -16.73 14.54
C VAL A 329 -11.08 -16.93 14.80
N LYS A 330 -11.70 -17.86 14.05
CA LYS A 330 -13.12 -18.16 14.13
C LYS A 330 -13.32 -19.57 14.66
N LEU A 331 -14.13 -19.71 15.71
CA LEU A 331 -14.50 -20.98 16.29
C LEU A 331 -15.96 -21.26 16.00
N THR A 332 -16.24 -22.43 15.41
CA THR A 332 -17.59 -22.90 15.22
C THR A 332 -17.91 -23.83 16.37
N VAL A 333 -18.96 -23.50 17.16
N VAL A 333 -19.09 -23.61 16.97
CA VAL A 333 -19.36 -24.37 18.25
CA VAL A 333 -19.48 -24.21 18.23
C VAL A 333 -20.71 -25.00 17.93
C VAL A 333 -20.81 -24.95 18.01
N SER A 334 -20.84 -26.24 18.36
CA SER A 334 -22.01 -27.05 18.09
C SER A 334 -23.23 -26.56 18.88
N GLY A 335 -24.40 -26.81 18.30
CA GLY A 335 -25.65 -26.59 19.00
C GLY A 335 -25.96 -27.76 19.94
N LEU A 336 -26.48 -27.43 21.11
CA LEU A 336 -26.99 -28.44 22.03
C LEU A 336 -28.42 -28.82 21.63
N LEU A 337 -28.92 -29.87 22.27
CA LEU A 337 -30.20 -30.42 21.87
C LEU A 337 -31.27 -29.35 22.07
N GLY A 338 -32.01 -29.07 21.00
CA GLY A 338 -33.02 -28.01 21.04
C GLY A 338 -32.63 -26.78 20.22
N GLU A 339 -31.33 -26.57 20.03
CA GLU A 339 -30.87 -25.43 19.25
C GLU A 339 -30.99 -25.77 17.76
N LEU A 340 -31.25 -24.74 16.94
CA LEU A 340 -31.51 -24.94 15.52
C LEU A 340 -30.23 -24.99 14.70
N THR A 341 -29.15 -24.34 15.18
CA THR A 341 -27.94 -24.15 14.40
C THR A 341 -26.72 -24.23 15.31
N SER A 342 -25.56 -24.44 14.69
N SER A 342 -25.54 -24.38 14.70
CA SER A 342 -24.30 -24.10 15.33
CA SER A 342 -24.27 -24.09 15.35
C SER A 342 -24.20 -22.57 15.45
C SER A 342 -24.15 -22.58 15.56
N SER A 343 -23.16 -22.15 16.20
N SER A 343 -23.06 -22.13 16.21
CA SER A 343 -22.82 -20.74 16.40
CA SER A 343 -22.80 -20.70 16.24
C SER A 343 -21.36 -20.51 16.03
C SER A 343 -21.31 -20.49 16.14
N GLU A 344 -20.96 -19.24 15.90
CA GLU A 344 -19.57 -18.87 15.67
C GLU A 344 -19.19 -17.75 16.62
N VAL A 345 -17.95 -17.82 17.12
CA VAL A 345 -17.34 -16.71 17.82
C VAL A 345 -15.97 -16.46 17.20
N ALA A 346 -15.43 -15.26 17.39
CA ALA A 346 -14.17 -14.90 16.78
C ALA A 346 -13.44 -13.84 17.60
N THR A 347 -12.12 -13.77 17.42
N THR A 347 -12.13 -13.79 17.34
CA THR A 347 -11.36 -12.61 17.87
CA THR A 347 -11.20 -12.82 17.88
C THR A 347 -10.30 -12.31 16.83
C THR A 347 -10.36 -12.29 16.74
N GLU A 348 -9.83 -11.07 16.88
CA GLU A 348 -8.93 -10.50 15.90
C GLU A 348 -7.66 -10.01 16.60
N VAL A 349 -6.55 -10.08 15.85
CA VAL A 349 -5.24 -9.68 16.33
C VAL A 349 -4.57 -8.87 15.24
N PRO A 350 -4.28 -7.58 15.47
CA PRO A 350 -3.61 -6.75 14.47
C PRO A 350 -2.15 -7.12 14.29
N PHE A 351 -1.65 -6.91 13.06
CA PHE A 351 -0.22 -6.96 12.78
C PHE A 351 0.04 -6.07 11.57
N ARG A 352 1.31 -5.79 11.28
CA ARG A 352 1.65 -4.99 10.11
C ARG A 352 2.42 -5.82 9.10
N LEU A 353 2.21 -5.51 7.82
CA LEU A 353 2.77 -6.22 6.69
C LEU A 353 3.47 -5.21 5.78
N MET A 354 4.75 -5.47 5.48
CA MET A 354 5.51 -4.57 4.62
C MET A 354 6.75 -5.29 4.07
N HIS A 355 7.56 -4.56 3.30
CA HIS A 355 8.78 -5.12 2.76
C HIS A 355 9.88 -5.13 3.81
N PRO A 356 10.97 -5.89 3.61
CA PRO A 356 12.02 -6.03 4.62
C PRO A 356 12.72 -4.72 4.96
N GLN A 357 13.41 -4.72 6.10
CA GLN A 357 14.29 -3.61 6.41
C GLN A 357 15.23 -3.39 5.23
N PRO A 358 15.60 -2.13 4.95
CA PRO A 358 16.56 -1.84 3.88
C PRO A 358 17.93 -2.46 4.17
N GLU A 359 18.66 -2.82 3.12
CA GLU A 359 19.96 -3.46 3.28
C GLU A 359 21.08 -2.42 3.10
C1 GOL B . -1.69 3.48 2.32
O1 GOL B . -1.71 4.41 3.40
C2 GOL B . -0.28 3.07 1.95
O2 GOL B . 0.59 3.28 3.06
C3 GOL B . -0.13 1.64 1.48
O3 GOL B . 1.09 1.07 1.94
C GOA C . -25.82 -19.73 21.66
CA GOA C . -26.28 -18.42 22.28
O GOA C . -25.18 -19.62 20.59
OXT GOA C . -26.04 -20.78 22.31
O2 GOA C . -25.49 -18.15 23.39
NA NA D . 4.77 6.93 7.22
#